data_4I66
#
_entry.id   4I66
#
_cell.length_a   58.185
_cell.length_b   58.185
_cell.length_c   94.779
_cell.angle_alpha   90.00
_cell.angle_beta   90.00
_cell.angle_gamma   120.00
#
_symmetry.space_group_name_H-M   'P 32 2 1'
#
loop_
_entity.id
_entity.type
_entity.pdbx_description
1 polymer 'uncharacterized protein Hoch_4089'
2 non-polymer 'SULFATE ION'
3 water water
#
_entity_poly.entity_id   1
_entity_poly.type   'polypeptide(L)'
_entity_poly.pdbx_seq_one_letter_code
;SNASAFRFGQLALGDRWDIYPQALSR(MSE)SREIDKRTSIEAAREPAAVTLSSPTLHETPFLYLAGDREFAIPPEPEVE
ALRRHLTFGGFLLIDSAEGALGGAFDRSVRRLLQAVFPAPAPGLEIVSGEHVVFKSFYLLERPLGRLALSPV(MSE)EGI
LRDGRL(MSE)VAYVQNDLGGAFARDDFGNFQLACVPDGERQRELAFR(MSE)LVNLV(MSE)YALCLD
;
_entity_poly.pdbx_strand_id   A
#
# COMPACT_ATOMS: atom_id res chain seq x y z
N ALA A 5 -0.10 -18.72 -5.70
CA ALA A 5 0.38 -17.41 -6.22
C ALA A 5 -0.12 -16.27 -5.35
N PHE A 6 0.80 -15.39 -4.93
CA PHE A 6 0.45 -14.14 -4.27
C PHE A 6 -0.65 -13.42 -5.05
N ARG A 7 -1.60 -12.81 -4.35
CA ARG A 7 -2.63 -12.00 -5.01
C ARG A 7 -2.95 -10.84 -4.11
N PHE A 8 -2.92 -9.64 -4.66
CA PHE A 8 -3.31 -8.44 -3.91
C PHE A 8 -4.80 -8.48 -3.62
N GLY A 9 -5.16 -8.05 -2.41
CA GLY A 9 -6.55 -7.72 -2.15
C GLY A 9 -6.76 -6.23 -2.28
N GLN A 10 -7.39 -5.82 -3.36
CA GLN A 10 -7.61 -4.42 -3.63
C GLN A 10 -8.86 -3.96 -2.89
N LEU A 11 -8.66 -3.09 -1.93
CA LEU A 11 -9.68 -2.72 -1.04
C LEU A 11 -10.36 -1.50 -1.69
N ALA A 12 -11.66 -1.53 -1.94
CA ALA A 12 -12.30 -0.42 -2.67
C ALA A 12 -13.27 0.46 -1.85
N LEU A 13 -12.81 1.55 -1.22
CA LEU A 13 -13.60 2.29 -0.17
C LEU A 13 -14.43 3.57 -0.52
N GLY A 14 -14.23 4.13 -1.69
CA GLY A 14 -14.98 5.29 -2.17
C GLY A 14 -15.21 5.18 -3.66
N ASP A 18 -9.58 2.65 -8.52
CA ASP A 18 -9.15 2.56 -9.93
C ASP A 18 -8.72 3.89 -10.55
N ILE A 19 -8.02 4.69 -9.77
CA ILE A 19 -7.34 5.89 -10.23
C ILE A 19 -6.45 5.51 -11.43
N TYR A 20 -5.72 4.39 -11.32
CA TYR A 20 -4.73 3.97 -12.32
C TYR A 20 -5.10 2.58 -12.71
N PRO A 21 -5.97 2.49 -13.71
CA PRO A 21 -6.39 1.22 -14.15
C PRO A 21 -5.20 0.39 -14.49
N GLN A 22 -5.26 -0.84 -14.04
CA GLN A 22 -4.16 -1.80 -14.27
C GLN A 22 -2.76 -1.56 -13.58
N ALA A 23 -2.61 -0.54 -12.76
CA ALA A 23 -1.40 -0.43 -11.94
C ALA A 23 -1.15 -1.67 -11.06
N LEU A 24 -2.18 -2.25 -10.45
CA LEU A 24 -1.97 -3.51 -9.67
C LEU A 24 -1.45 -4.68 -10.47
N SER A 25 -2.00 -4.84 -11.67
CA SER A 25 -1.53 -5.86 -12.61
C SER A 25 -0.08 -5.63 -12.95
N ARG A 26 0.31 -4.37 -13.13
CA ARG A 26 1.69 -4.06 -13.39
C ARG A 26 2.56 -4.35 -12.15
N SER A 28 2.02 -6.74 -10.02
CA SER A 28 2.21 -8.22 -10.05
C SER A 28 3.23 -8.67 -11.04
N ARG A 29 3.22 -8.06 -12.21
CA ARG A 29 4.19 -8.41 -13.21
C ARG A 29 5.59 -8.11 -12.70
N GLU A 30 5.78 -7.00 -12.00
CA GLU A 30 7.09 -6.70 -11.46
C GLU A 30 7.49 -7.70 -10.37
N ILE A 31 6.56 -8.09 -9.50
N ILE A 31 6.56 -8.12 -9.53
CA ILE A 31 6.86 -9.15 -8.51
CA ILE A 31 6.90 -9.15 -8.52
C ILE A 31 7.37 -10.40 -9.24
C ILE A 31 7.32 -10.46 -9.22
N ASP A 32 6.68 -10.79 -10.30
N ASP A 32 6.69 -10.79 -10.33
CA ASP A 32 7.07 -11.96 -11.08
CA ASP A 32 7.08 -12.00 -11.08
C ASP A 32 8.46 -11.85 -11.68
C ASP A 32 8.43 -11.89 -11.75
N LYS A 33 8.72 -10.75 -12.36
CA LYS A 33 10.01 -10.58 -13.01
C LYS A 33 11.12 -10.55 -12.01
N ARG A 34 10.87 -9.90 -10.85
CA ARG A 34 11.95 -9.55 -9.96
C ARG A 34 12.24 -10.58 -8.88
N THR A 35 11.26 -11.44 -8.60
CA THR A 35 11.35 -12.34 -7.49
C THR A 35 10.98 -13.74 -7.95
N SER A 36 11.17 -14.69 -7.04
CA SER A 36 10.73 -16.07 -7.28
C SER A 36 9.29 -16.35 -6.86
N ILE A 37 8.60 -15.33 -6.36
CA ILE A 37 7.17 -15.40 -5.99
C ILE A 37 6.36 -15.36 -7.26
N GLU A 38 5.37 -16.23 -7.37
CA GLU A 38 4.40 -16.15 -8.46
C GLU A 38 3.26 -15.25 -8.03
N ALA A 39 3.05 -14.18 -8.77
CA ALA A 39 2.02 -13.20 -8.44
C ALA A 39 0.94 -13.25 -9.50
N ALA A 40 -0.31 -13.36 -9.07
CA ALA A 40 -1.46 -13.42 -9.99
C ALA A 40 -1.64 -12.08 -10.65
N ARG A 41 -1.95 -12.09 -11.95
CA ARG A 41 -2.02 -10.85 -12.71
C ARG A 41 -3.19 -9.98 -12.24
N GLU A 42 -4.31 -10.63 -11.94
CA GLU A 42 -5.54 -9.96 -11.55
C GLU A 42 -5.63 -9.83 -10.03
N PRO A 43 -5.63 -8.59 -9.51
CA PRO A 43 -5.90 -8.49 -8.08
C PRO A 43 -7.32 -8.87 -7.79
N ALA A 44 -7.60 -9.24 -6.56
CA ALA A 44 -8.97 -9.46 -6.10
C ALA A 44 -9.57 -8.17 -5.57
N ALA A 45 -10.71 -7.75 -6.08
CA ALA A 45 -11.41 -6.62 -5.55
C ALA A 45 -12.11 -7.13 -4.30
N VAL A 46 -11.84 -6.50 -3.17
CA VAL A 46 -12.38 -6.96 -1.92
C VAL A 46 -13.00 -5.80 -1.15
N THR A 47 -13.98 -6.13 -0.32
CA THR A 47 -14.62 -5.23 0.60
C THR A 47 -14.42 -5.77 1.99
N LEU A 48 -14.50 -4.93 2.99
CA LEU A 48 -14.26 -5.37 4.36
C LEU A 48 -15.34 -6.28 4.92
N SER A 49 -16.50 -6.32 4.29
CA SER A 49 -17.55 -7.25 4.71
C SER A 49 -17.46 -8.58 3.96
N SER A 50 -16.43 -8.78 3.15
CA SER A 50 -16.32 -10.04 2.40
C SER A 50 -16.00 -11.20 3.36
N PRO A 51 -16.74 -12.31 3.25
CA PRO A 51 -16.44 -13.50 4.03
C PRO A 51 -15.07 -14.11 3.74
N THR A 52 -14.49 -13.75 2.60
CA THR A 52 -13.22 -14.33 2.20
C THR A 52 -12.09 -13.30 2.20
N LEU A 53 -12.27 -12.23 2.98
CA LEU A 53 -11.20 -11.24 3.19
C LEU A 53 -9.87 -11.94 3.52
N HIS A 54 -9.93 -12.96 4.37
CA HIS A 54 -8.72 -13.67 4.81
C HIS A 54 -7.89 -14.29 3.69
N GLU A 55 -8.50 -14.54 2.52
CA GLU A 55 -7.78 -15.18 1.42
C GLU A 55 -6.69 -14.30 0.83
N THR A 56 -6.77 -12.99 1.08
CA THR A 56 -5.74 -12.03 0.65
C THR A 56 -5.14 -11.36 1.87
N PRO A 57 -4.08 -11.94 2.46
CA PRO A 57 -3.45 -11.30 3.59
C PRO A 57 -3.01 -9.86 3.30
N PHE A 58 -2.54 -9.60 2.08
CA PHE A 58 -2.06 -8.27 1.70
C PHE A 58 -3.17 -7.46 1.08
N LEU A 59 -3.55 -6.40 1.76
CA LEU A 59 -4.61 -5.50 1.28
C LEU A 59 -3.96 -4.21 0.80
N TYR A 60 -4.55 -3.65 -0.25
CA TYR A 60 -4.07 -2.43 -0.88
C TYR A 60 -5.19 -1.42 -0.98
N LEU A 61 -4.99 -0.24 -0.41
CA LEU A 61 -5.98 0.83 -0.45
C LEU A 61 -5.37 2.08 -1.07
N ALA A 62 -5.85 2.44 -2.24
CA ALA A 62 -5.43 3.66 -2.90
C ALA A 62 -6.60 4.60 -3.02
N GLY A 63 -6.28 5.88 -3.10
CA GLY A 63 -7.34 6.85 -3.35
C GLY A 63 -6.81 8.25 -3.45
N ASP A 64 -7.68 9.17 -3.86
CA ASP A 64 -7.32 10.57 -3.99
C ASP A 64 -8.42 11.49 -3.50
N ARG A 65 -9.36 10.97 -2.73
CA ARG A 65 -10.39 11.81 -2.16
C ARG A 65 -10.94 11.18 -0.90
N GLU A 66 -11.87 11.88 -0.27
CA GLU A 66 -12.47 11.45 0.96
C GLU A 66 -13.14 10.09 0.77
N PHE A 67 -13.17 9.31 1.84
CA PHE A 67 -14.04 8.14 1.94
C PHE A 67 -14.59 8.01 3.38
N ALA A 68 -15.81 7.50 3.51
CA ALA A 68 -16.46 7.38 4.82
C ALA A 68 -15.85 6.25 5.67
N ILE A 69 -15.87 6.41 7.00
CA ILE A 69 -15.41 5.35 7.89
C ILE A 69 -16.37 4.18 7.71
N PRO A 70 -15.83 2.98 7.47
CA PRO A 70 -16.73 1.84 7.33
C PRO A 70 -17.50 1.53 8.59
N PRO A 71 -18.58 0.75 8.47
CA PRO A 71 -19.32 0.41 9.69
C PRO A 71 -18.54 -0.45 10.67
N GLU A 72 -19.02 -0.52 11.91
CA GLU A 72 -18.30 -1.22 12.97
C GLU A 72 -17.89 -2.67 12.64
N PRO A 73 -18.78 -3.48 12.04
CA PRO A 73 -18.33 -4.85 11.75
C PRO A 73 -17.19 -4.89 10.73
N GLU A 74 -17.17 -3.92 9.83
CA GLU A 74 -16.10 -3.82 8.82
C GLU A 74 -14.80 -3.32 9.44
N VAL A 75 -14.88 -2.35 10.33
CA VAL A 75 -13.72 -1.88 11.09
C VAL A 75 -13.15 -3.08 11.87
N GLU A 76 -14.03 -3.89 12.48
CA GLU A 76 -13.56 -5.00 13.29
C GLU A 76 -12.94 -6.11 12.43
N ALA A 77 -13.51 -6.33 11.23
CA ALA A 77 -12.97 -7.28 10.28
C ALA A 77 -11.54 -6.88 9.90
N LEU A 78 -11.34 -5.57 9.66
CA LEU A 78 -10.00 -5.08 9.33
C LEU A 78 -9.02 -5.22 10.48
N ARG A 79 -9.47 -4.86 11.67
CA ARG A 79 -8.67 -4.97 12.88
C ARG A 79 -8.18 -6.40 13.07
N ARG A 80 -9.08 -7.36 12.94
N ARG A 80 -9.09 -7.35 12.95
CA ARG A 80 -8.74 -8.76 13.09
CA ARG A 80 -8.79 -8.76 13.08
C ARG A 80 -7.82 -9.24 11.97
C ARG A 80 -7.84 -9.25 11.97
N HIS A 81 -8.10 -8.83 10.73
CA HIS A 81 -7.26 -9.20 9.61
C HIS A 81 -5.81 -8.82 9.88
N LEU A 82 -5.62 -7.63 10.39
CA LEU A 82 -4.27 -7.15 10.63
C LEU A 82 -3.62 -7.79 11.84
N THR A 83 -4.36 -7.89 12.93
CA THR A 83 -3.78 -8.41 14.17
C THR A 83 -3.41 -9.88 14.02
N PHE A 84 -4.13 -10.63 13.18
CA PHE A 84 -3.86 -12.05 12.95
C PHE A 84 -2.92 -12.34 11.80
N GLY A 85 -2.21 -11.31 11.34
CA GLY A 85 -1.06 -11.51 10.44
C GLY A 85 -1.13 -10.86 9.07
N GLY A 86 -2.21 -10.16 8.78
CA GLY A 86 -2.36 -9.50 7.51
C GLY A 86 -1.61 -8.19 7.46
N PHE A 87 -1.73 -7.51 6.32
CA PHE A 87 -1.00 -6.32 6.05
C PHE A 87 -1.85 -5.41 5.22
N LEU A 88 -1.78 -4.11 5.49
CA LEU A 88 -2.47 -3.09 4.71
C LEU A 88 -1.49 -2.03 4.24
N LEU A 89 -1.38 -1.90 2.92
CA LEU A 89 -0.67 -0.80 2.28
C LEU A 89 -1.69 0.24 1.86
N ILE A 90 -1.53 1.48 2.33
CA ILE A 90 -2.39 2.60 1.98
C ILE A 90 -1.53 3.55 1.16
N ASP A 91 -2.02 3.97 0.01
CA ASP A 91 -1.23 4.66 -0.99
C ASP A 91 -2.02 5.85 -1.52
N SER A 92 -1.61 7.04 -1.17
CA SER A 92 -2.32 8.25 -1.61
C SER A 92 -1.91 8.65 -3.00
N ALA A 93 -2.90 8.88 -3.85
CA ALA A 93 -2.70 9.40 -5.20
C ALA A 93 -3.10 10.85 -5.31
N GLU A 94 -3.28 11.55 -4.19
CA GLU A 94 -3.90 12.87 -4.27
C GLU A 94 -3.00 13.92 -4.88
N GLY A 95 -1.69 13.76 -4.82
CA GLY A 95 -0.78 14.76 -5.48
C GLY A 95 -0.19 15.83 -4.58
N ALA A 96 -0.69 15.87 -3.36
CA ALA A 96 -0.11 16.71 -2.34
C ALA A 96 -0.40 16.01 -1.04
N LEU A 97 0.28 16.42 -0.02
CA LEU A 97 0.07 15.85 1.27
C LEU A 97 -1.14 16.42 1.98
N GLY A 98 -1.75 15.60 2.83
CA GLY A 98 -2.68 16.13 3.82
C GLY A 98 -4.00 16.62 3.27
N GLY A 99 -4.46 15.98 2.22
CA GLY A 99 -5.75 16.26 1.63
C GLY A 99 -6.86 15.41 2.20
N ALA A 100 -7.94 15.32 1.43
CA ALA A 100 -9.15 14.62 1.87
C ALA A 100 -8.91 13.11 2.10
N PHE A 101 -8.10 12.49 1.23
CA PHE A 101 -7.79 11.09 1.40
C PHE A 101 -7.02 10.89 2.72
N ASP A 102 -6.00 11.71 2.95
CA ASP A 102 -5.19 11.64 4.17
C ASP A 102 -6.07 11.78 5.41
N ARG A 103 -6.99 12.75 5.40
CA ARG A 103 -7.84 12.91 6.55
C ARG A 103 -8.70 11.66 6.78
N SER A 104 -9.22 11.09 5.71
CA SER A 104 -10.01 9.86 5.81
C SER A 104 -9.20 8.66 6.31
N VAL A 105 -7.97 8.53 5.83
CA VAL A 105 -7.05 7.48 6.28
C VAL A 105 -6.84 7.58 7.78
N ARG A 106 -6.57 8.79 8.27
CA ARG A 106 -6.26 8.92 9.68
C ARG A 106 -7.49 8.59 10.55
N ARG A 107 -8.66 9.01 10.10
CA ARG A 107 -9.89 8.68 10.82
C ARG A 107 -10.15 7.17 10.81
N LEU A 108 -9.90 6.54 9.66
CA LEU A 108 -10.07 5.09 9.56
C LEU A 108 -9.19 4.38 10.56
N LEU A 109 -7.91 4.74 10.58
CA LEU A 109 -7.00 4.00 11.43
C LEU A 109 -7.22 4.30 12.92
N GLN A 110 -7.76 5.46 13.24
CA GLN A 110 -8.18 5.72 14.62
C GLN A 110 -9.34 4.83 15.05
N ALA A 111 -10.23 4.51 14.12
CA ALA A 111 -11.32 3.59 14.40
C ALA A 111 -10.82 2.17 14.53
N VAL A 112 -9.90 1.75 13.67
CA VAL A 112 -9.40 0.37 13.69
C VAL A 112 -8.60 0.12 14.96
N PHE A 113 -7.78 1.09 15.35
CA PHE A 113 -6.91 0.95 16.52
C PHE A 113 -7.09 2.15 17.45
N PRO A 114 -8.17 2.16 18.26
CA PRO A 114 -8.38 3.27 19.17
C PRO A 114 -7.24 3.47 20.16
N ALA A 115 -6.95 4.71 20.51
CA ALA A 115 -6.03 4.95 21.62
C ALA A 115 -6.52 4.18 22.85
N PRO A 116 -5.58 3.68 23.68
CA PRO A 116 -4.15 3.94 23.66
C PRO A 116 -3.33 2.97 22.82
N ALA A 117 -3.97 2.20 21.94
CA ALA A 117 -3.23 1.32 21.03
C ALA A 117 -2.23 2.13 20.19
N PRO A 118 -1.13 1.48 19.74
CA PRO A 118 -0.25 2.17 18.78
C PRO A 118 -1.03 2.64 17.55
N GLY A 119 -0.78 3.88 17.16
CA GLY A 119 -1.36 4.46 15.96
C GLY A 119 -0.29 4.80 14.94
N LEU A 120 -0.64 5.61 13.97
CA LEU A 120 0.30 5.94 12.91
C LEU A 120 1.47 6.64 13.51
N GLU A 121 2.66 6.13 13.18
CA GLU A 121 3.91 6.75 13.55
C GLU A 121 4.86 6.65 12.38
N ILE A 122 5.87 7.50 12.39
CA ILE A 122 6.92 7.44 11.37
C ILE A 122 7.70 6.15 11.50
N VAL A 123 7.85 5.45 10.39
CA VAL A 123 8.61 4.22 10.39
C VAL A 123 10.10 4.57 10.31
N SER A 124 10.89 3.97 11.18
CA SER A 124 12.33 4.13 11.16
C SER A 124 12.92 3.71 9.81
N GLY A 125 13.90 4.46 9.34
CA GLY A 125 14.66 4.08 8.15
C GLY A 125 15.46 2.81 8.37
N GLU A 126 15.66 2.41 9.63
CA GLU A 126 16.32 1.17 9.99
C GLU A 126 15.38 -0.02 10.05
N HIS A 127 14.08 0.18 9.88
CA HIS A 127 13.16 -0.94 9.89
C HIS A 127 13.50 -1.89 8.75
N VAL A 128 13.37 -3.19 8.99
CA VAL A 128 13.71 -4.20 8.00
C VAL A 128 12.86 -4.12 6.74
N VAL A 129 11.71 -3.44 6.77
CA VAL A 129 10.95 -3.29 5.54
C VAL A 129 11.79 -2.64 4.45
N PHE A 130 12.68 -1.74 4.84
CA PHE A 130 13.51 -1.02 3.86
C PHE A 130 14.69 -1.85 3.32
N LYS A 131 14.85 -3.08 3.80
CA LYS A 131 15.90 -3.97 3.30
C LYS A 131 15.39 -5.39 3.15
N SER A 132 14.10 -5.54 2.89
N SER A 132 14.09 -5.53 2.88
CA SER A 132 13.48 -6.87 2.79
CA SER A 132 13.44 -6.85 2.78
C SER A 132 13.74 -7.58 1.47
C SER A 132 13.55 -7.53 1.42
N PHE A 133 14.15 -6.85 0.44
CA PHE A 133 14.44 -7.47 -0.86
C PHE A 133 15.47 -6.64 -1.59
N TYR A 134 15.13 -5.38 -1.78
CA TYR A 134 16.07 -4.35 -2.19
C TYR A 134 16.57 -3.59 -0.99
N LEU A 135 17.71 -2.93 -1.14
CA LEU A 135 18.26 -2.03 -0.13
C LEU A 135 17.79 -0.62 -0.42
N LEU A 136 16.88 -0.13 0.41
CA LEU A 136 16.27 1.18 0.19
C LEU A 136 16.43 2.09 1.39
N GLU A 137 16.16 3.37 1.19
CA GLU A 137 16.25 4.36 2.24
C GLU A 137 14.92 5.03 2.60
N ARG A 138 14.10 5.31 1.60
CA ARG A 138 12.90 6.10 1.86
C ARG A 138 11.84 5.67 0.87
N PRO A 139 10.56 5.93 1.18
CA PRO A 139 9.47 5.45 0.36
C PRO A 139 9.16 6.38 -0.76
N LEU A 140 9.83 6.24 -1.87
CA LEU A 140 9.56 7.01 -3.05
C LEU A 140 8.41 6.38 -3.85
N GLY A 141 7.63 7.23 -4.49
CA GLY A 141 6.62 6.84 -5.46
C GLY A 141 6.73 7.67 -6.73
N ARG A 142 5.58 7.95 -7.34
CA ARG A 142 5.51 8.96 -8.39
C ARG A 142 6.00 10.32 -7.85
N LEU A 143 5.74 10.53 -6.57
CA LEU A 143 6.15 11.72 -5.87
C LEU A 143 7.21 11.40 -4.83
N ALA A 144 7.78 12.47 -4.30
CA ALA A 144 8.85 12.40 -3.28
C ALA A 144 8.62 13.48 -2.23
N LEU A 145 7.38 13.84 -2.00
CA LEU A 145 7.04 14.92 -1.07
C LEU A 145 7.43 14.55 0.34
N SER A 146 6.91 13.43 0.81
CA SER A 146 7.17 13.03 2.19
C SER A 146 8.53 12.32 2.26
N PRO A 147 9.40 12.68 3.21
CA PRO A 147 10.70 12.00 3.35
C PRO A 147 10.62 10.67 4.07
N VAL A 148 9.46 10.35 4.61
CA VAL A 148 9.27 9.16 5.42
C VAL A 148 7.97 8.48 5.07
N GLU A 150 4.74 6.44 7.06
CA GLU A 150 4.07 6.18 8.30
C GLU A 150 3.59 4.77 8.35
N GLY A 151 3.30 4.27 9.52
CA GLY A 151 2.78 2.95 9.66
C GLY A 151 2.28 2.68 11.04
N ILE A 152 1.74 1.49 11.22
CA ILE A 152 1.33 1.01 12.53
C ILE A 152 2.07 -0.27 12.82
N LEU A 153 2.78 -0.26 13.96
CA LEU A 153 3.58 -1.41 14.41
C LEU A 153 2.87 -2.19 15.53
N ARG A 154 3.07 -3.50 15.54
CA ARG A 154 2.66 -4.38 16.64
C ARG A 154 3.88 -5.24 16.95
N ASP A 155 4.49 -5.02 18.11
CA ASP A 155 5.66 -5.80 18.50
C ASP A 155 6.76 -5.77 17.43
N GLY A 156 7.01 -4.58 16.90
CA GLY A 156 8.03 -4.37 15.88
C GLY A 156 7.60 -4.71 14.45
N ARG A 157 6.48 -5.41 14.29
CA ARG A 157 5.97 -5.84 12.99
C ARG A 157 5.14 -4.73 12.42
N LEU A 158 5.42 -4.39 11.19
CA LEU A 158 4.63 -3.40 10.46
C LEU A 158 3.37 -4.06 9.95
N VAL A 160 0.52 -1.94 9.05
CA VAL A 160 0.00 -0.96 8.11
C VAL A 160 1.16 -0.10 7.67
N ALA A 161 1.28 0.11 6.37
CA ALA A 161 2.20 1.07 5.80
C ALA A 161 1.38 2.08 5.05
N TYR A 162 1.69 3.36 5.25
CA TYR A 162 1.00 4.44 4.60
C TYR A 162 1.95 5.35 3.88
N VAL A 163 1.82 5.37 2.55
CA VAL A 163 2.72 6.06 1.65
C VAL A 163 1.93 7.18 0.99
N GLN A 164 2.30 8.42 1.22
CA GLN A 164 1.61 9.54 0.57
C GLN A 164 2.25 9.93 -0.74
N ASN A 165 3.31 9.23 -1.12
CA ASN A 165 4.06 9.57 -2.33
C ASN A 165 3.59 8.85 -3.60
N ASP A 166 2.45 8.17 -3.58
CA ASP A 166 1.80 7.66 -4.80
C ASP A 166 2.63 6.56 -5.49
N LEU A 167 2.75 5.40 -4.88
CA LEU A 167 3.41 4.27 -5.50
C LEU A 167 2.68 3.87 -6.76
N GLY A 168 1.35 3.76 -6.70
CA GLY A 168 0.60 3.26 -7.85
C GLY A 168 0.81 4.11 -9.09
N GLY A 169 0.94 5.41 -8.91
CA GLY A 169 1.15 6.30 -10.04
C GLY A 169 2.44 6.05 -10.78
N ALA A 170 3.45 5.47 -10.12
CA ALA A 170 4.69 5.10 -10.78
C ALA A 170 4.49 3.93 -11.74
N PHE A 171 3.53 3.07 -11.43
CA PHE A 171 3.23 1.89 -12.22
C PHE A 171 2.22 2.13 -13.35
N ALA A 172 1.51 3.26 -13.32
CA ALA A 172 0.44 3.53 -14.27
C ALA A 172 0.98 3.53 -15.68
N ARG A 173 0.20 2.96 -16.59
CA ARG A 173 0.58 2.89 -18.02
C ARG A 173 -0.50 3.53 -18.90
N ASP A 174 -0.07 3.99 -20.04
CA ASP A 174 -0.95 4.61 -21.06
C ASP A 174 -1.54 3.51 -21.95
N ASP A 175 -2.21 3.94 -23.00
CA ASP A 175 -2.92 3.03 -23.91
C ASP A 175 -2.00 2.25 -24.86
N PHE A 176 -0.73 2.59 -24.84
CA PHE A 176 0.27 2.11 -25.76
C PHE A 176 1.29 1.26 -25.04
N GLY A 177 1.05 0.94 -23.76
CA GLY A 177 1.93 0.05 -23.00
C GLY A 177 3.14 0.71 -22.38
N ASN A 178 3.16 2.02 -22.33
CA ASN A 178 4.27 2.73 -21.72
C ASN A 178 3.88 3.28 -20.39
N PHE A 179 4.87 3.59 -19.59
CA PHE A 179 4.64 4.38 -18.38
C PHE A 179 3.98 5.69 -18.72
N GLN A 180 2.97 6.02 -17.94
CA GLN A 180 2.16 7.19 -18.24
C GLN A 180 2.64 8.48 -17.59
N LEU A 181 2.97 8.42 -16.31
CA LEU A 181 3.17 9.63 -15.52
C LEU A 181 4.62 9.86 -15.14
N ALA A 182 4.97 11.14 -15.08
CA ALA A 182 6.29 11.53 -14.64
C ALA A 182 6.48 11.27 -13.17
N CYS A 183 7.66 10.82 -12.78
CA CYS A 183 8.05 10.73 -11.38
C CYS A 183 8.87 11.97 -11.04
N VAL A 184 8.41 12.65 -10.01
CA VAL A 184 8.92 13.96 -9.64
C VAL A 184 9.58 13.94 -8.28
N PRO A 185 10.83 14.46 -8.14
CA PRO A 185 11.66 15.16 -9.13
C PRO A 185 12.67 14.30 -9.86
N ASP A 186 12.84 13.02 -9.47
CA ASP A 186 14.04 12.30 -9.88
C ASP A 186 13.74 11.23 -10.92
N GLY A 187 12.63 11.35 -11.64
CA GLY A 187 12.50 10.68 -12.91
C GLY A 187 12.49 9.17 -12.91
N GLU A 188 13.12 8.58 -13.91
CA GLU A 188 13.08 7.14 -14.05
C GLU A 188 13.88 6.41 -12.99
N ARG A 189 14.91 7.05 -12.46
CA ARG A 189 15.62 6.52 -11.32
C ARG A 189 14.65 6.41 -10.14
N GLN A 190 13.85 7.44 -9.91
CA GLN A 190 12.86 7.42 -8.87
C GLN A 190 11.79 6.36 -9.14
N ARG A 191 11.37 6.22 -10.38
CA ARG A 191 10.38 5.19 -10.70
C ARG A 191 10.90 3.80 -10.31
N GLU A 192 12.17 3.53 -10.62
CA GLU A 192 12.74 2.24 -10.23
C GLU A 192 12.74 2.07 -8.71
N LEU A 193 13.12 3.12 -7.97
CA LEU A 193 13.10 3.06 -6.50
C LEU A 193 11.68 2.85 -5.96
N ALA A 194 10.66 3.40 -6.64
CA ALA A 194 9.28 3.16 -6.27
C ALA A 194 8.89 1.70 -6.48
N PHE A 195 9.30 1.16 -7.62
CA PHE A 195 8.99 -0.24 -7.90
C PHE A 195 9.64 -1.12 -6.84
N ARG A 196 10.88 -0.82 -6.47
CA ARG A 196 11.56 -1.57 -5.46
C ARG A 196 10.87 -1.44 -4.10
N LEU A 198 7.67 -1.04 -3.54
CA LEU A 198 6.52 -1.93 -3.59
C LEU A 198 6.92 -3.38 -3.38
N VAL A 199 7.95 -3.83 -4.11
CA VAL A 199 8.43 -5.21 -3.94
C VAL A 199 8.83 -5.45 -2.47
N ASN A 200 9.54 -4.52 -1.86
CA ASN A 200 9.94 -4.70 -0.47
C ASN A 200 8.74 -4.84 0.46
N LEU A 201 7.69 -4.04 0.25
CA LEU A 201 6.49 -4.14 1.05
C LEU A 201 5.84 -5.51 0.94
N VAL A 202 5.71 -6.00 -0.29
CA VAL A 202 5.14 -7.33 -0.49
C VAL A 202 5.98 -8.43 0.14
N TYR A 204 8.21 -8.22 2.50
CA TYR A 204 8.15 -8.06 3.98
C TYR A 204 6.87 -8.69 4.52
N ALA A 205 5.75 -8.36 3.89
CA ALA A 205 4.46 -8.85 4.37
C ALA A 205 4.33 -10.37 4.27
N LEU A 206 4.91 -10.96 3.24
CA LEU A 206 4.83 -12.39 3.00
C LEU A 206 5.82 -13.20 3.80
N CYS A 207 6.91 -12.59 4.25
CA CYS A 207 8.06 -13.36 4.76
C CYS A 207 8.38 -12.86 6.16
#